data_6YV2
#
_entry.id   6YV2
#
_cell.length_a   59.300
_cell.length_b   73.020
_cell.length_c   79.460
_cell.angle_alpha   90.000
_cell.angle_beta   90.000
_cell.angle_gamma   90.000
#
_symmetry.space_group_name_H-M   'P 21 21 21'
#
loop_
_entity.id
_entity.type
_entity.pdbx_description
1 polymer 'Palmitoleoyl-protein carboxylesterase NOTUM'
2 non-polymer 2-acetamido-2-deoxy-beta-D-glucopyranose
3 non-polymer '(3~{R})-1-phenylpyrrolidine-3-carboxylic acid'
4 non-polymer 'SULFATE ION'
5 non-polymer 1,2-ETHANEDIOL
6 water water
#
_entity_poly.entity_id   1
_entity_poly.type   'polypeptide(L)'
_entity_poly.pdbx_seq_one_letter_code
;ETGSAQQLNEDLRLHLLLNTSVTCNDGSPAGYYLKESRGSRRWLLFLEGGWYCFNRENCDSRYDTMRRLMSSRDWPRTRT
GTGILSSQPEENPYWWNANMVFIPYCSSDVWSGASSKSEKNEYAFMGALIIQEVVRELLGRGLSGAKVLLLAGSSAGGTG
VLLNVDRVAEQLEKLGYPAIQVRGLADSGWFLDNKQYRHTDCVDTITCAPTEAIRRGIRYWNGVVPERCRRQFQEGEEWN
CFFGYKVYPTLRSPVFVVQWLFDEAQLTVDNVHLTGQPVQEGLRLYIQNLGRELRHTLKDVPASFAPACLSHEIIIRSHW
TDVQVKGTSLPRALHCWDRSLHDSHKASKTPLKGCPVHLVDSCPWPHCNPSCPTGTKHHHHHH
;
_entity_poly.pdbx_strand_id   A
#
loop_
_chem_comp.id
_chem_comp.type
_chem_comp.name
_chem_comp.formula
EDO non-polymer 1,2-ETHANEDIOL 'C2 H6 O2'
NAG D-saccharide, beta linking 2-acetamido-2-deoxy-beta-D-glucopyranose 'C8 H15 N O6'
PUE non-polymer '(3~{R})-1-phenylpyrrolidine-3-carboxylic acid' 'C11 H13 N O2'
SO4 non-polymer 'SULFATE ION' 'O4 S -2'
#
# COMPACT_ATOMS: atom_id res chain seq x y z
N ASP A 11 9.94 -18.01 8.15
CA ASP A 11 8.81 -18.91 7.92
C ASP A 11 8.32 -18.86 6.46
N LEU A 12 8.60 -17.76 5.77
CA LEU A 12 8.15 -17.55 4.39
C LEU A 12 9.27 -17.86 3.40
N ARG A 13 8.97 -18.72 2.43
CA ARG A 13 9.96 -19.22 1.49
C ARG A 13 9.84 -18.50 0.14
N LEU A 14 10.99 -18.09 -0.40
CA LEU A 14 11.02 -17.38 -1.66
C LEU A 14 10.68 -18.29 -2.83
N HIS A 15 9.86 -17.77 -3.76
CA HIS A 15 9.58 -18.44 -5.02
C HIS A 15 9.69 -17.41 -6.13
N LEU A 16 10.75 -17.48 -6.92
CA LEU A 16 10.86 -16.62 -8.10
C LEU A 16 9.83 -17.04 -9.13
N LEU A 17 9.25 -16.04 -9.81
CA LEU A 17 8.15 -16.29 -10.73
C LEU A 17 8.58 -17.22 -11.86
N LEU A 18 7.76 -18.23 -12.11
CA LEU A 18 8.07 -19.21 -13.16
C LEU A 18 8.06 -18.56 -14.54
N ASN A 19 7.12 -17.65 -14.78
CA ASN A 19 7.13 -16.84 -16.00
C ASN A 19 8.31 -15.88 -15.90
N THR A 20 9.37 -16.19 -16.64
CA THR A 20 10.62 -15.44 -16.52
C THR A 20 10.53 -14.03 -17.07
N SER A 21 9.50 -13.72 -17.85
CA SER A 21 9.36 -12.41 -18.47
CA SER A 21 9.37 -12.41 -18.46
C SER A 21 8.70 -11.38 -17.57
N VAL A 22 8.20 -11.78 -16.40
CA VAL A 22 7.64 -10.86 -15.42
C VAL A 22 8.78 -10.50 -14.48
N THR A 23 9.42 -9.36 -14.72
CA THR A 23 10.74 -9.08 -14.18
C THR A 23 10.71 -7.88 -13.24
N CYS A 24 11.78 -7.75 -12.48
CA CYS A 24 12.05 -6.56 -11.69
C CYS A 24 12.56 -5.46 -12.62
N ASN A 25 13.02 -4.34 -12.04
CA ASN A 25 13.47 -3.21 -12.86
C ASN A 25 14.65 -3.60 -13.74
N ASP A 26 15.59 -4.39 -13.22
CA ASP A 26 16.80 -4.73 -13.96
C ASP A 26 16.65 -5.95 -14.85
N GLY A 27 15.44 -6.51 -14.95
CA GLY A 27 15.22 -7.70 -15.76
C GLY A 27 15.30 -9.00 -15.02
N SER A 28 15.78 -9.00 -13.78
CA SER A 28 15.77 -10.22 -12.98
C SER A 28 14.33 -10.60 -12.65
N PRO A 29 14.05 -11.89 -12.49
CA PRO A 29 12.67 -12.32 -12.27
C PRO A 29 12.11 -11.80 -10.95
N ALA A 30 10.82 -11.47 -10.97
CA ALA A 30 10.12 -11.11 -9.74
C ALA A 30 9.72 -12.38 -8.99
N GLY A 31 9.24 -12.21 -7.76
CA GLY A 31 8.89 -13.36 -6.97
C GLY A 31 7.94 -13.03 -5.84
N TYR A 32 7.85 -13.98 -4.91
CA TYR A 32 6.98 -13.85 -3.76
C TYR A 32 7.45 -14.83 -2.69
N TYR A 33 7.26 -14.45 -1.43
CA TYR A 33 7.52 -15.32 -0.31
C TYR A 33 6.21 -15.93 0.16
N LEU A 34 6.23 -17.22 0.49
CA LEU A 34 5.02 -17.95 0.79
C LEU A 34 5.21 -18.81 2.03
N LYS A 35 4.23 -18.79 2.92
CA LYS A 35 4.11 -19.76 4.00
C LYS A 35 2.67 -20.25 4.01
N GLU A 36 2.48 -21.51 3.64
CA GLU A 36 1.15 -22.06 3.50
C GLU A 36 0.55 -22.41 4.86
N SER A 37 -0.79 -22.34 4.93
CA SER A 37 -1.57 -22.78 6.09
C SER A 37 -2.73 -23.59 5.53
N ARG A 38 -2.51 -24.89 5.38
CA ARG A 38 -3.44 -25.73 4.62
C ARG A 38 -4.80 -25.88 5.29
N GLY A 39 -4.91 -25.58 6.58
CA GLY A 39 -6.20 -25.62 7.23
C GLY A 39 -7.10 -24.42 6.98
N SER A 40 -6.55 -23.32 6.46
CA SER A 40 -7.28 -22.07 6.33
C SER A 40 -7.59 -21.77 4.88
N ARG A 41 -8.75 -21.14 4.66
CA ARG A 41 -9.20 -20.71 3.34
C ARG A 41 -8.90 -19.24 3.08
N ARG A 42 -8.10 -18.60 3.95
CA ARG A 42 -7.82 -17.18 3.86
C ARG A 42 -6.38 -16.97 3.38
N TRP A 43 -6.19 -15.95 2.54
CA TRP A 43 -4.92 -15.68 1.90
C TRP A 43 -4.61 -14.20 2.02
N LEU A 44 -3.41 -13.88 2.51
CA LEU A 44 -2.93 -12.52 2.65
C LEU A 44 -1.79 -12.30 1.67
N LEU A 45 -1.98 -11.40 0.70
CA LEU A 45 -0.97 -11.08 -0.29
C LEU A 45 -0.51 -9.65 -0.02
N PHE A 46 0.68 -9.50 0.55
CA PHE A 46 1.17 -8.20 1.00
C PHE A 46 2.04 -7.56 -0.08
N LEU A 47 1.73 -6.32 -0.44
CA LEU A 47 2.53 -5.54 -1.37
C LEU A 47 3.52 -4.69 -0.59
N GLU A 48 4.82 -4.94 -0.78
CA GLU A 48 5.83 -4.14 -0.11
C GLU A 48 5.83 -2.71 -0.65
N GLY A 49 6.26 -1.78 0.19
CA GLY A 49 6.44 -0.40 -0.21
C GLY A 49 7.90 -0.06 -0.42
N GLY A 50 8.15 1.23 -0.62
CA GLY A 50 9.51 1.69 -0.82
C GLY A 50 9.67 2.80 -1.84
N TRP A 51 8.78 3.79 -1.76
CA TRP A 51 8.84 5.00 -2.62
C TRP A 51 8.74 4.55 -4.08
N TYR A 52 9.56 5.13 -4.97
CA TYR A 52 9.47 4.93 -6.41
C TYR A 52 10.63 5.65 -7.08
N CYS A 53 10.66 5.67 -8.41
CA CYS A 53 11.58 6.52 -9.14
C CYS A 53 10.91 6.92 -10.44
N PHE A 54 10.81 8.22 -10.69
CA PHE A 54 9.98 8.73 -11.78
C PHE A 54 10.77 9.26 -12.97
N ASN A 55 12.07 8.95 -13.07
CA ASN A 55 12.84 9.28 -14.25
C ASN A 55 14.09 8.40 -14.30
N ARG A 56 14.70 8.32 -15.49
N ARG A 56 14.70 8.32 -15.49
CA ARG A 56 15.86 7.48 -15.71
CA ARG A 56 15.85 7.47 -15.70
C ARG A 56 17.00 7.81 -14.75
C ARG A 56 17.00 7.81 -14.76
N GLU A 57 17.55 9.02 -14.88
CA GLU A 57 18.67 9.48 -14.06
C GLU A 57 18.29 9.77 -12.62
N ASN A 58 17.62 8.82 -11.99
CA ASN A 58 17.19 8.91 -10.61
C ASN A 58 16.83 7.50 -10.17
N CYS A 59 16.35 6.68 -11.12
CA CYS A 59 16.31 5.24 -10.88
C CYS A 59 17.72 4.66 -10.82
N ASP A 60 18.65 5.25 -11.56
CA ASP A 60 20.05 4.81 -11.50
C ASP A 60 20.63 5.04 -10.11
N SER A 61 20.29 6.17 -9.48
CA SER A 61 20.67 6.39 -8.09
C SER A 61 20.04 5.35 -7.19
N ARG A 62 18.77 5.01 -7.46
CA ARG A 62 18.09 3.96 -6.71
C ARG A 62 18.76 2.61 -6.94
N TYR A 63 19.24 2.36 -8.16
CA TYR A 63 19.92 1.10 -8.45
C TYR A 63 21.26 1.00 -7.75
N ASP A 64 21.81 2.11 -7.27
CA ASP A 64 23.11 2.08 -6.61
C ASP A 64 22.99 1.75 -5.14
N THR A 65 22.01 2.34 -4.45
CA THR A 65 21.89 2.20 -3.00
C THR A 65 20.60 1.54 -2.55
N MET A 66 19.71 1.19 -3.47
CA MET A 66 18.45 0.52 -3.13
C MET A 66 18.14 -0.55 -4.18
N ARG A 67 19.19 -1.21 -4.68
CA ARG A 67 19.03 -2.20 -5.74
C ARG A 67 18.14 -3.37 -5.34
N ARG A 68 18.04 -3.67 -4.03
CA ARG A 68 17.10 -4.69 -3.58
C ARG A 68 15.66 -4.32 -3.93
N LEU A 69 15.36 -3.03 -4.08
CA LEU A 69 14.07 -2.57 -4.53
C LEU A 69 13.98 -2.46 -6.06
N MET A 70 14.99 -2.96 -6.77
CA MET A 70 14.98 -2.98 -8.23
C MET A 70 15.49 -4.29 -8.80
N SER A 71 15.88 -5.25 -7.98
CA SER A 71 16.50 -6.47 -8.46
C SER A 71 16.24 -7.59 -7.45
N SER A 72 16.11 -8.81 -7.97
CA SER A 72 15.95 -9.99 -7.14
C SER A 72 17.22 -10.83 -7.07
N ARG A 73 18.34 -10.29 -7.58
CA ARG A 73 19.60 -11.04 -7.54
C ARG A 73 19.95 -11.45 -6.11
N ASP A 74 19.86 -10.51 -5.18
CA ASP A 74 20.32 -10.71 -3.81
C ASP A 74 19.18 -10.85 -2.82
N TRP A 75 18.06 -11.43 -3.25
CA TRP A 75 16.97 -11.65 -2.30
C TRP A 75 17.29 -12.85 -1.41
N PRO A 76 17.04 -12.74 -0.11
CA PRO A 76 17.18 -13.92 0.75
C PRO A 76 16.16 -14.98 0.40
N ARG A 77 16.57 -16.25 0.55
CA ARG A 77 15.68 -17.37 0.24
C ARG A 77 14.48 -17.42 1.18
N THR A 78 14.55 -16.77 2.33
CA THR A 78 13.57 -16.91 3.39
C THR A 78 13.31 -15.55 4.02
N ARG A 79 12.06 -15.34 4.45
CA ARG A 79 11.64 -14.12 5.11
C ARG A 79 10.83 -14.45 6.36
N THR A 80 10.90 -13.56 7.33
CA THR A 80 10.12 -13.67 8.56
C THR A 80 8.84 -12.86 8.42
N GLY A 81 7.70 -13.49 8.73
CA GLY A 81 6.43 -12.79 8.71
C GLY A 81 6.20 -11.99 9.98
N THR A 82 6.00 -10.68 9.83
CA THR A 82 5.82 -9.78 10.97
C THR A 82 4.50 -9.05 10.86
N GLY A 83 3.97 -8.65 12.00
CA GLY A 83 2.70 -7.94 12.02
C GLY A 83 1.58 -8.82 11.52
N ILE A 84 0.82 -8.30 10.56
CA ILE A 84 -0.30 -9.05 9.99
C ILE A 84 0.16 -10.26 9.18
N LEU A 85 1.45 -10.33 8.85
CA LEU A 85 2.05 -11.48 8.18
C LEU A 85 2.60 -12.50 9.17
N SER A 86 2.40 -12.31 10.47
CA SER A 86 2.90 -13.23 11.48
C SER A 86 1.88 -14.33 11.75
N SER A 87 2.39 -15.52 12.06
CA SER A 87 1.57 -16.68 12.36
C SER A 87 1.39 -16.89 13.86
N GLN A 88 1.83 -15.94 14.69
CA GLN A 88 1.68 -16.08 16.14
C GLN A 88 0.51 -15.25 16.62
N PRO A 89 -0.35 -15.80 17.49
CA PRO A 89 -1.51 -15.02 17.97
C PRO A 89 -1.11 -13.78 18.74
N GLU A 90 -0.02 -13.84 19.51
CA GLU A 90 0.41 -12.67 20.27
C GLU A 90 0.75 -11.49 19.36
N GLU A 91 1.34 -11.77 18.20
CA GLU A 91 1.74 -10.71 17.28
C GLU A 91 0.64 -10.37 16.28
N ASN A 92 -0.20 -11.33 15.92
CA ASN A 92 -1.25 -11.12 14.91
C ASN A 92 -2.54 -11.78 15.40
N PRO A 93 -3.30 -11.08 16.26
CA PRO A 93 -4.57 -11.64 16.72
C PRO A 93 -5.64 -11.71 15.65
N TYR A 94 -5.40 -11.16 14.47
CA TYR A 94 -6.41 -11.06 13.42
C TYR A 94 -6.41 -12.28 12.50
N TRP A 95 -5.32 -12.49 11.77
CA TRP A 95 -5.25 -13.51 10.72
C TRP A 95 -4.02 -14.39 10.88
N TRP A 96 -3.74 -14.81 12.12
CA TRP A 96 -2.53 -15.60 12.37
C TRP A 96 -2.53 -16.95 11.68
N ASN A 97 -3.70 -17.48 11.32
CA ASN A 97 -3.79 -18.81 10.72
C ASN A 97 -3.88 -18.76 9.19
N ALA A 98 -3.70 -17.60 8.59
CA ALA A 98 -3.92 -17.44 7.16
C ALA A 98 -2.68 -17.85 6.36
N ASN A 99 -2.89 -18.08 5.06
CA ASN A 99 -1.78 -18.26 4.14
C ASN A 99 -1.14 -16.91 3.85
N MET A 100 0.16 -16.81 4.07
CA MET A 100 0.89 -15.56 4.03
C MET A 100 1.69 -15.45 2.74
N VAL A 101 1.58 -14.31 2.07
CA VAL A 101 2.33 -14.03 0.86
C VAL A 101 2.90 -12.61 0.94
N PHE A 102 4.21 -12.51 0.78
CA PHE A 102 4.91 -11.22 0.77
C PHE A 102 5.51 -11.05 -0.62
N ILE A 103 5.00 -10.07 -1.36
CA ILE A 103 5.46 -9.79 -2.71
C ILE A 103 6.48 -8.64 -2.63
N PRO A 104 7.76 -8.89 -2.86
CA PRO A 104 8.75 -7.81 -2.76
C PRO A 104 8.52 -6.74 -3.83
N TYR A 105 8.79 -5.50 -3.44
CA TYR A 105 8.59 -4.34 -4.30
C TYR A 105 9.89 -4.13 -5.08
N CYS A 106 9.89 -4.53 -6.35
CA CYS A 106 11.09 -4.39 -7.18
C CYS A 106 10.79 -3.73 -8.52
N SER A 107 9.69 -2.98 -8.61
CA SER A 107 9.29 -2.34 -9.86
C SER A 107 9.33 -0.81 -9.81
N SER A 108 9.39 -0.22 -8.60
CA SER A 108 9.58 1.22 -8.43
C SER A 108 8.53 2.04 -9.17
N ASP A 109 7.30 1.51 -9.27
CA ASP A 109 6.27 2.13 -10.09
C ASP A 109 4.94 2.24 -9.34
N VAL A 110 4.97 2.13 -8.01
CA VAL A 110 3.78 2.11 -7.16
C VAL A 110 2.84 1.01 -7.65
N TRP A 111 3.42 -0.08 -8.17
CA TRP A 111 2.69 -1.28 -8.57
C TRP A 111 1.75 -1.03 -9.76
N SER A 112 2.03 -0.01 -10.57
CA SER A 112 1.14 0.35 -11.67
C SER A 112 1.68 -0.02 -13.05
N GLY A 113 2.93 -0.44 -13.16
CA GLY A 113 3.52 -0.65 -14.46
C GLY A 113 3.06 -1.94 -15.12
N ALA A 114 2.95 -1.88 -16.45
CA ALA A 114 2.65 -3.05 -17.27
C ALA A 114 3.44 -2.98 -18.57
N SER A 115 4.71 -2.61 -18.47
CA SER A 115 5.57 -2.42 -19.63
C SER A 115 6.48 -3.63 -19.84
N SER A 116 7.68 -3.39 -20.37
CA SER A 116 8.70 -4.42 -20.53
C SER A 116 9.97 -3.77 -21.03
N LYS A 117 11.11 -4.18 -20.46
CA LYS A 117 12.40 -3.65 -20.88
C LYS A 117 12.68 -4.02 -22.33
N SER A 118 13.19 -3.06 -23.09
CA SER A 118 13.44 -3.25 -24.51
C SER A 118 14.74 -2.55 -24.87
N GLU A 119 15.01 -2.42 -26.17
CA GLU A 119 16.16 -1.67 -26.65
C GLU A 119 15.91 -0.16 -26.65
N LYS A 120 14.80 0.29 -26.07
CA LYS A 120 14.51 1.70 -25.94
C LYS A 120 14.17 2.11 -24.51
N ASN A 121 14.24 1.19 -23.55
CA ASN A 121 13.95 1.50 -22.16
C ASN A 121 15.00 0.86 -21.27
N GLU A 122 15.55 1.65 -20.35
CA GLU A 122 16.59 1.14 -19.46
C GLU A 122 16.02 0.11 -18.47
N TYR A 123 14.83 0.37 -17.94
CA TYR A 123 14.24 -0.48 -16.91
C TYR A 123 12.87 -0.96 -17.34
N ALA A 124 12.43 -2.02 -16.67
CA ALA A 124 11.09 -2.56 -16.84
C ALA A 124 10.24 -2.19 -15.64
N PHE A 125 9.02 -1.75 -15.90
CA PHE A 125 8.05 -1.40 -14.85
C PHE A 125 6.84 -2.28 -15.04
N MET A 126 6.78 -3.38 -14.27
CA MET A 126 5.78 -4.42 -14.43
C MET A 126 5.07 -4.70 -13.12
N GLY A 127 4.93 -3.70 -12.25
CA GLY A 127 4.37 -3.92 -10.93
C GLY A 127 2.98 -4.53 -10.97
N ALA A 128 2.11 -4.01 -11.84
CA ALA A 128 0.77 -4.56 -11.97
C ALA A 128 0.81 -5.97 -12.56
N LEU A 129 1.74 -6.23 -13.48
CA LEU A 129 1.86 -7.57 -14.04
C LEU A 129 2.48 -8.54 -13.05
N ILE A 130 3.33 -8.05 -12.14
CA ILE A 130 3.86 -8.90 -11.08
C ILE A 130 2.73 -9.43 -10.20
N ILE A 131 1.78 -8.56 -9.85
CA ILE A 131 0.70 -8.95 -8.96
C ILE A 131 -0.15 -10.04 -9.59
N GLN A 132 -0.57 -9.84 -10.84
CA GLN A 132 -1.45 -10.81 -11.49
C GLN A 132 -0.71 -12.12 -11.76
N GLU A 133 0.60 -12.06 -12.00
CA GLU A 133 1.34 -13.29 -12.23
C GLU A 133 1.52 -14.09 -10.93
N VAL A 134 1.74 -13.38 -9.81
CA VAL A 134 1.80 -14.07 -8.53
C VAL A 134 0.46 -14.72 -8.22
N VAL A 135 -0.64 -13.97 -8.42
CA VAL A 135 -1.98 -14.55 -8.24
C VAL A 135 -2.17 -15.73 -9.17
N ARG A 136 -1.67 -15.63 -10.40
CA ARG A 136 -1.82 -16.72 -11.36
C ARG A 136 -1.10 -17.98 -10.88
N GLU A 137 0.11 -17.83 -10.35
CA GLU A 137 0.90 -18.97 -9.92
C GLU A 137 0.51 -19.47 -8.54
N LEU A 138 -0.19 -18.65 -7.74
CA LEU A 138 -0.66 -19.11 -6.44
C LEU A 138 -1.88 -20.02 -6.55
N LEU A 139 -2.63 -19.93 -7.65
CA LEU A 139 -3.84 -20.74 -7.80
C LEU A 139 -3.51 -22.22 -7.72
N GLY A 140 -2.43 -22.65 -8.38
CA GLY A 140 -1.97 -24.02 -8.33
C GLY A 140 -1.30 -24.42 -7.04
N ARG A 141 -1.25 -23.53 -6.05
CA ARG A 141 -0.64 -23.83 -4.76
C ARG A 141 -1.62 -23.63 -3.61
N GLY A 142 -2.92 -23.67 -3.88
CA GLY A 142 -3.94 -23.61 -2.85
C GLY A 142 -4.87 -22.41 -2.96
N LEU A 143 -4.46 -21.34 -3.66
CA LEU A 143 -5.31 -20.16 -3.77
C LEU A 143 -6.63 -20.46 -4.47
N SER A 144 -6.68 -21.51 -5.31
CA SER A 144 -7.91 -21.86 -5.99
C SER A 144 -9.01 -22.25 -5.01
N GLY A 145 -8.64 -22.75 -3.84
CA GLY A 145 -9.60 -23.10 -2.82
C GLY A 145 -9.93 -22.00 -1.84
N ALA A 146 -9.37 -20.81 -2.04
CA ALA A 146 -9.50 -19.74 -1.07
C ALA A 146 -10.93 -19.21 -1.02
N LYS A 147 -11.31 -18.73 0.17
CA LYS A 147 -12.58 -18.04 0.37
C LYS A 147 -12.42 -16.52 0.39
N VAL A 148 -11.32 -16.03 0.94
CA VAL A 148 -11.03 -14.60 1.01
C VAL A 148 -9.58 -14.38 0.60
N LEU A 149 -9.38 -13.50 -0.38
CA LEU A 149 -8.04 -13.05 -0.79
C LEU A 149 -7.93 -11.58 -0.40
N LEU A 150 -7.19 -11.30 0.66
CA LEU A 150 -6.98 -9.93 1.12
C LEU A 150 -5.68 -9.41 0.54
N LEU A 151 -5.78 -8.47 -0.40
CA LEU A 151 -4.62 -7.81 -1.00
C LEU A 151 -4.25 -6.62 -0.13
N ALA A 152 -3.15 -6.74 0.60
CA ALA A 152 -2.71 -5.69 1.52
C ALA A 152 -1.38 -5.11 1.04
N GLY A 153 -1.04 -3.95 1.59
CA GLY A 153 0.21 -3.29 1.25
C GLY A 153 0.44 -2.06 2.11
N SER A 154 1.70 -1.68 2.31
CA SER A 154 2.03 -0.51 3.11
C SER A 154 2.73 0.53 2.25
N SER A 155 2.43 1.79 2.51
CA SER A 155 2.98 2.93 1.77
C SER A 155 2.76 2.75 0.28
N ALA A 156 3.84 2.67 -0.51
CA ALA A 156 3.69 2.48 -1.94
C ALA A 156 2.88 1.22 -2.24
N GLY A 157 3.05 0.17 -1.44
CA GLY A 157 2.20 -1.00 -1.57
C GLY A 157 0.76 -0.73 -1.20
N GLY A 158 0.52 0.17 -0.24
CA GLY A 158 -0.84 0.54 0.10
C GLY A 158 -1.56 1.24 -1.06
N THR A 159 -0.86 2.15 -1.73
CA THR A 159 -1.40 2.72 -2.96
C THR A 159 -1.53 1.66 -4.04
N GLY A 160 -0.58 0.72 -4.09
CA GLY A 160 -0.69 -0.38 -5.04
C GLY A 160 -1.94 -1.21 -4.84
N VAL A 161 -2.43 -1.31 -3.59
CA VAL A 161 -3.67 -2.02 -3.33
C VAL A 161 -4.84 -1.33 -4.00
N LEU A 162 -4.93 0.00 -3.83
CA LEU A 162 -6.02 0.76 -4.44
C LEU A 162 -5.97 0.64 -5.97
N LEU A 163 -4.77 0.58 -6.55
CA LEU A 163 -4.64 0.49 -7.99
C LEU A 163 -4.92 -0.91 -8.54
N ASN A 164 -4.80 -1.96 -7.72
CA ASN A 164 -4.83 -3.32 -8.22
C ASN A 164 -5.91 -4.21 -7.64
N VAL A 165 -6.63 -3.79 -6.60
CA VAL A 165 -7.58 -4.70 -5.94
C VAL A 165 -8.72 -5.08 -6.90
N ASP A 166 -9.20 -4.12 -7.69
CA ASP A 166 -10.24 -4.45 -8.66
C ASP A 166 -9.68 -5.28 -9.81
N ARG A 167 -8.44 -4.99 -10.21
CA ARG A 167 -7.80 -5.76 -11.27
C ARG A 167 -7.59 -7.22 -10.86
N VAL A 168 -7.35 -7.47 -9.58
CA VAL A 168 -7.21 -8.84 -9.11
C VAL A 168 -8.57 -9.54 -9.08
N ALA A 169 -9.59 -8.85 -8.59
CA ALA A 169 -10.94 -9.43 -8.56
C ALA A 169 -11.40 -9.84 -9.96
N GLU A 170 -11.23 -8.95 -10.93
CA GLU A 170 -11.63 -9.26 -12.30
C GLU A 170 -10.79 -10.38 -12.89
N GLN A 171 -9.51 -10.46 -12.50
CA GLN A 171 -8.66 -11.55 -12.97
C GLN A 171 -9.18 -12.91 -12.49
N LEU A 172 -9.53 -12.99 -11.21
CA LEU A 172 -10.06 -14.24 -10.68
C LEU A 172 -11.43 -14.57 -11.28
N GLU A 173 -12.19 -13.54 -11.67
CA GLU A 173 -13.49 -13.79 -12.29
C GLU A 173 -13.33 -14.28 -13.72
N LYS A 174 -12.44 -13.67 -14.51
CA LYS A 174 -12.20 -14.14 -15.87
C LYS A 174 -11.60 -15.53 -15.88
N LEU A 175 -10.80 -15.86 -14.86
CA LEU A 175 -10.19 -17.18 -14.74
C LEU A 175 -11.17 -18.24 -14.26
N GLY A 176 -12.36 -17.86 -13.81
CA GLY A 176 -13.37 -18.83 -13.41
C GLY A 176 -13.42 -19.09 -11.91
N TYR A 177 -13.20 -18.04 -11.10
CA TYR A 177 -13.23 -18.14 -9.65
C TYR A 177 -14.14 -17.07 -9.06
N PRO A 178 -15.45 -17.17 -9.28
CA PRO A 178 -16.36 -16.17 -8.71
C PRO A 178 -16.51 -16.26 -7.21
N ALA A 179 -16.10 -17.38 -6.60
CA ALA A 179 -16.31 -17.60 -5.18
C ALA A 179 -15.26 -16.93 -4.30
N ILE A 180 -14.10 -16.58 -4.85
CA ILE A 180 -13.04 -15.96 -4.06
C ILE A 180 -13.38 -14.49 -3.86
N GLN A 181 -13.62 -14.11 -2.60
CA GLN A 181 -13.88 -12.71 -2.26
C GLN A 181 -12.57 -11.96 -2.16
N VAL A 182 -12.31 -11.07 -3.12
CA VAL A 182 -11.09 -10.27 -3.13
C VAL A 182 -11.36 -8.99 -2.36
N ARG A 183 -10.49 -8.68 -1.40
CA ARG A 183 -10.62 -7.50 -0.55
C ARG A 183 -9.30 -6.74 -0.53
N GLY A 184 -9.34 -5.52 -0.02
CA GLY A 184 -8.16 -4.67 0.00
C GLY A 184 -7.89 -4.10 1.38
N LEU A 185 -6.61 -4.04 1.73
CA LEU A 185 -6.16 -3.39 2.96
C LEU A 185 -5.02 -2.45 2.59
N ALA A 186 -5.33 -1.15 2.46
CA ALA A 186 -4.38 -0.15 2.01
C ALA A 186 -3.82 0.58 3.23
N ASP A 187 -2.53 0.37 3.51
CA ASP A 187 -1.86 0.92 4.67
C ASP A 187 -0.90 2.03 4.23
N SER A 188 -1.12 3.23 4.77
CA SER A 188 -0.22 4.37 4.56
C SER A 188 -0.02 4.68 3.09
N GLY A 189 -1.01 4.37 2.25
CA GLY A 189 -0.94 4.70 0.84
C GLY A 189 -2.04 5.66 0.43
N TRP A 190 -2.59 6.40 1.40
CA TRP A 190 -3.70 7.32 1.20
C TRP A 190 -3.16 8.73 1.29
N PHE A 191 -2.78 9.30 0.14
CA PHE A 191 -2.06 10.55 0.10
C PHE A 191 -2.93 11.69 -0.42
N LEU A 192 -2.47 12.91 -0.16
CA LEU A 192 -3.12 14.13 -0.58
C LEU A 192 -2.24 14.87 -1.57
N ASP A 193 -2.87 15.36 -2.65
CA ASP A 193 -2.18 16.16 -3.65
C ASP A 193 -2.25 17.65 -3.26
N ASN A 194 -1.75 17.93 -2.06
CA ASN A 194 -1.88 19.24 -1.47
C ASN A 194 -0.66 20.10 -1.79
N LYS A 195 -0.75 21.37 -1.40
CA LYS A 195 0.35 22.31 -1.57
C LYS A 195 1.42 22.06 -0.52
N GLN A 196 2.68 22.13 -0.93
CA GLN A 196 3.79 21.98 0.01
C GLN A 196 3.81 23.13 1.00
N TYR A 197 4.32 22.84 2.21
CA TYR A 197 4.51 23.89 3.20
C TYR A 197 5.59 24.88 2.74
N ARG A 198 6.69 24.37 2.21
CA ARG A 198 7.69 25.19 1.55
C ARG A 198 7.97 24.60 0.17
N HIS A 199 8.06 25.46 -0.82
CA HIS A 199 8.15 24.98 -2.19
C HIS A 199 9.53 24.40 -2.49
N THR A 200 9.54 23.30 -3.21
CA THR A 200 10.77 22.73 -3.77
C THR A 200 10.53 22.41 -5.24
N ASP A 201 11.61 22.46 -6.02
CA ASP A 201 11.56 21.93 -7.36
C ASP A 201 11.53 20.41 -7.30
N CYS A 202 10.84 19.80 -8.26
CA CYS A 202 10.80 18.34 -8.31
C CYS A 202 12.18 17.85 -8.74
N VAL A 203 13.08 17.75 -7.76
CA VAL A 203 14.32 17.00 -7.92
C VAL A 203 14.44 16.10 -6.71
N ASP A 204 14.80 14.82 -6.95
CA ASP A 204 14.91 13.75 -5.96
C ASP A 204 13.55 13.27 -5.45
N THR A 205 13.52 11.99 -5.09
CA THR A 205 12.25 11.30 -4.84
C THR A 205 11.54 11.82 -3.60
N ILE A 206 12.29 12.06 -2.51
CA ILE A 206 11.65 12.31 -1.23
C ILE A 206 11.20 13.76 -1.07
N THR A 207 11.75 14.70 -1.83
CA THR A 207 11.37 16.10 -1.67
C THR A 207 10.41 16.60 -2.75
N CYS A 208 10.20 15.84 -3.82
CA CYS A 208 9.31 16.29 -4.88
C CYS A 208 7.86 16.25 -4.42
N ALA A 209 7.09 17.26 -4.84
CA ALA A 209 5.70 17.37 -4.43
C ALA A 209 4.91 16.15 -4.88
N PRO A 210 3.90 15.72 -4.11
CA PRO A 210 3.16 14.50 -4.47
C PRO A 210 2.47 14.59 -5.81
N THR A 211 1.90 15.75 -6.15
CA THR A 211 1.24 15.91 -7.45
C THR A 211 2.21 15.68 -8.59
N GLU A 212 3.38 16.34 -8.55
CA GLU A 212 4.32 16.27 -9.66
C GLU A 212 5.07 14.94 -9.72
N ALA A 213 5.24 14.28 -8.57
CA ALA A 213 5.87 12.96 -8.59
C ALA A 213 5.07 11.98 -9.43
N ILE A 214 3.76 11.92 -9.19
CA ILE A 214 2.92 10.95 -9.89
C ILE A 214 2.75 11.33 -11.35
N ARG A 215 2.64 12.62 -11.65
CA ARG A 215 2.53 13.05 -13.04
C ARG A 215 3.76 12.62 -13.85
N ARG A 216 4.95 12.81 -13.27
CA ARG A 216 6.16 12.33 -13.95
C ARG A 216 6.20 10.81 -13.96
N GLY A 217 5.85 10.17 -12.84
CA GLY A 217 6.01 8.73 -12.74
C GLY A 217 5.10 7.97 -13.68
N ILE A 218 3.81 8.34 -13.73
CA ILE A 218 2.83 7.54 -14.45
C ILE A 218 3.13 7.50 -15.94
N ARG A 219 3.69 8.58 -16.50
CA ARG A 219 4.12 8.55 -17.88
C ARG A 219 5.38 7.72 -18.04
N TYR A 220 6.30 7.82 -17.07
CA TYR A 220 7.58 7.15 -17.19
C TYR A 220 7.45 5.64 -17.04
N TRP A 221 6.58 5.19 -16.14
CA TRP A 221 6.31 3.76 -15.99
C TRP A 221 5.23 3.25 -16.94
N ASN A 222 4.54 4.14 -17.66
CA ASN A 222 3.33 3.81 -18.40
C ASN A 222 2.35 3.08 -17.49
N GLY A 223 2.12 3.65 -16.31
CA GLY A 223 1.31 3.00 -15.31
C GLY A 223 -0.14 2.94 -15.70
N VAL A 224 -0.83 1.93 -15.18
CA VAL A 224 -2.25 1.75 -15.42
C VAL A 224 -3.01 2.07 -14.13
N VAL A 225 -4.27 2.45 -14.30
CA VAL A 225 -5.11 2.84 -13.17
C VAL A 225 -6.43 2.10 -13.29
N PRO A 226 -7.19 1.98 -12.20
CA PRO A 226 -8.49 1.31 -12.28
C PRO A 226 -9.38 1.94 -13.35
N GLU A 227 -10.28 1.11 -13.90
CA GLU A 227 -10.99 1.47 -15.12
C GLU A 227 -11.89 2.68 -14.93
N ARG A 228 -12.82 2.61 -13.97
CA ARG A 228 -13.78 3.69 -13.81
C ARG A 228 -13.10 5.00 -13.45
N CYS A 229 -11.99 4.93 -12.70
CA CYS A 229 -11.26 6.15 -12.34
C CYS A 229 -10.59 6.76 -13.56
N ARG A 230 -10.03 5.93 -14.44
CA ARG A 230 -9.49 6.41 -15.70
C ARG A 230 -10.57 7.10 -16.54
N ARG A 231 -11.78 6.55 -16.55
CA ARG A 231 -12.84 7.12 -17.36
C ARG A 231 -13.35 8.44 -16.82
N GLN A 232 -13.10 8.74 -15.55
CA GLN A 232 -13.50 10.03 -14.99
C GLN A 232 -12.51 11.13 -15.37
N PHE A 233 -11.22 10.90 -15.14
CA PHE A 233 -10.21 11.91 -15.37
C PHE A 233 -9.67 11.90 -16.80
N GLN A 234 -9.70 10.74 -17.46
CA GLN A 234 -9.42 10.61 -18.90
C GLN A 234 -7.99 10.97 -19.27
N GLU A 235 -7.72 11.02 -20.58
CA GLU A 235 -6.36 11.04 -21.09
C GLU A 235 -5.55 12.20 -20.52
N GLY A 236 -4.31 11.91 -20.13
CA GLY A 236 -3.42 12.90 -19.59
C GLY A 236 -3.61 13.19 -18.11
N GLU A 237 -4.69 12.71 -17.50
CA GLU A 237 -5.01 13.03 -16.11
C GLU A 237 -5.13 11.78 -15.24
N GLU A 238 -4.59 10.65 -15.69
CA GLU A 238 -4.67 9.42 -14.90
C GLU A 238 -3.86 9.49 -13.61
N TRP A 239 -2.96 10.46 -13.49
CA TRP A 239 -2.22 10.63 -12.23
C TRP A 239 -3.15 10.87 -11.06
N ASN A 240 -4.34 11.42 -11.31
CA ASN A 240 -5.31 11.63 -10.25
C ASN A 240 -5.67 10.34 -9.54
N CYS A 241 -5.65 9.21 -10.25
CA CYS A 241 -6.09 7.93 -9.72
C CYS A 241 -5.09 7.29 -8.76
N PHE A 242 -3.90 7.88 -8.58
CA PHE A 242 -2.96 7.41 -7.56
C PHE A 242 -3.28 7.95 -6.18
N PHE A 243 -4.27 8.83 -6.06
CA PHE A 243 -4.61 9.45 -4.79
C PHE A 243 -5.88 8.83 -4.24
N GLY A 244 -5.80 8.34 -3.01
CA GLY A 244 -6.84 7.49 -2.48
C GLY A 244 -8.22 8.12 -2.49
N TYR A 245 -8.32 9.38 -2.05
CA TYR A 245 -9.63 10.01 -1.98
C TYR A 245 -10.27 10.20 -3.36
N LYS A 246 -9.50 10.03 -4.44
CA LYS A 246 -10.07 10.11 -5.79
C LYS A 246 -10.38 8.74 -6.38
N VAL A 247 -9.51 7.75 -6.16
CA VAL A 247 -9.72 6.44 -6.76
C VAL A 247 -10.63 5.54 -5.92
N TYR A 248 -10.61 5.69 -4.60
CA TYR A 248 -11.45 4.84 -3.74
C TYR A 248 -12.93 4.85 -4.10
N PRO A 249 -13.57 6.00 -4.39
CA PRO A 249 -14.99 5.96 -4.76
C PRO A 249 -15.28 5.18 -6.04
N THR A 250 -14.28 4.89 -6.87
CA THR A 250 -14.52 4.16 -8.10
C THR A 250 -14.32 2.66 -7.95
N LEU A 251 -13.73 2.20 -6.84
CA LEU A 251 -13.46 0.79 -6.66
C LEU A 251 -14.73 0.03 -6.28
N ARG A 252 -14.77 -1.25 -6.67
CA ARG A 252 -15.89 -2.12 -6.34
C ARG A 252 -15.58 -3.13 -5.25
N SER A 253 -14.30 -3.47 -5.04
CA SER A 253 -13.94 -4.41 -3.99
C SER A 253 -13.96 -3.72 -2.62
N PRO A 254 -14.35 -4.43 -1.57
CA PRO A 254 -14.25 -3.86 -0.23
C PRO A 254 -12.80 -3.54 0.10
N VAL A 255 -12.56 -2.32 0.58
CA VAL A 255 -11.22 -1.86 0.91
C VAL A 255 -11.24 -1.22 2.29
N PHE A 256 -10.39 -1.73 3.19
CA PHE A 256 -10.14 -1.09 4.47
C PHE A 256 -8.98 -0.13 4.30
N VAL A 257 -9.11 1.07 4.83
CA VAL A 257 -8.09 2.11 4.70
C VAL A 257 -7.45 2.37 6.05
N VAL A 258 -6.14 2.23 6.13
CA VAL A 258 -5.36 2.53 7.33
C VAL A 258 -4.41 3.66 6.99
N GLN A 259 -4.52 4.78 7.70
CA GLN A 259 -3.73 5.96 7.34
C GLN A 259 -3.48 6.81 8.58
N TRP A 260 -2.22 6.92 9.00
CA TRP A 260 -1.86 7.94 9.96
C TRP A 260 -2.32 9.30 9.45
N LEU A 261 -2.96 10.08 10.34
CA LEU A 261 -3.39 11.42 9.95
C LEU A 261 -2.22 12.32 9.60
N PHE A 262 -1.03 12.03 10.10
CA PHE A 262 0.17 12.83 9.86
C PHE A 262 1.28 11.89 9.39
N ASP A 263 1.09 11.29 8.22
CA ASP A 263 2.05 10.33 7.70
C ASP A 263 3.38 11.02 7.42
N GLU A 264 4.47 10.40 7.87
CA GLU A 264 5.79 11.01 7.72
C GLU A 264 6.14 11.20 6.24
N ALA A 265 5.76 10.25 5.38
CA ALA A 265 6.03 10.40 3.96
C ALA A 265 5.21 11.53 3.35
N GLN A 266 3.97 11.71 3.81
CA GLN A 266 3.17 12.84 3.35
C GLN A 266 3.79 14.16 3.79
N LEU A 267 4.30 14.22 5.02
CA LEU A 267 4.97 15.44 5.48
C LEU A 267 6.30 15.64 4.76
N THR A 268 6.97 14.55 4.37
CA THR A 268 8.23 14.67 3.63
C THR A 268 8.00 15.28 2.25
N VAL A 269 7.04 14.74 1.49
CA VAL A 269 6.76 15.30 0.17
C VAL A 269 6.18 16.70 0.27
N ASP A 270 5.66 17.08 1.43
CA ASP A 270 5.20 18.43 1.69
C ASP A 270 6.32 19.35 2.16
N ASN A 271 7.55 18.85 2.25
CA ASN A 271 8.70 19.61 2.71
C ASN A 271 8.50 20.11 4.15
N VAL A 272 8.03 19.20 5.00
CA VAL A 272 7.87 19.46 6.43
C VAL A 272 8.84 18.57 7.18
N HIS A 273 9.57 19.14 8.13
CA HIS A 273 10.53 18.41 8.95
C HIS A 273 10.31 18.80 10.41
N LEU A 274 9.57 17.97 11.13
CA LEU A 274 9.34 18.17 12.56
C LEU A 274 10.49 17.51 13.32
N THR A 275 11.53 18.28 13.57
CA THR A 275 12.72 17.79 14.26
C THR A 275 13.28 18.77 15.29
N GLY A 276 13.03 20.08 15.15
CA GLY A 276 13.56 21.08 16.06
C GLY A 276 12.43 21.79 16.80
N GLN A 277 12.74 22.19 18.04
CA GLN A 277 11.73 22.65 18.98
C GLN A 277 10.81 23.76 18.45
N PRO A 278 11.30 24.86 17.85
CA PRO A 278 10.37 25.93 17.46
C PRO A 278 9.48 25.60 16.28
N VAL A 279 8.18 25.39 16.55
CA VAL A 279 7.17 25.19 15.51
C VAL A 279 6.37 26.49 15.43
N GLN A 280 6.67 27.32 14.44
CA GLN A 280 6.00 28.60 14.32
C GLN A 280 4.53 28.40 13.96
N GLU A 281 3.75 29.48 14.16
CA GLU A 281 2.30 29.38 13.96
C GLU A 281 1.95 29.06 12.51
N GLY A 282 2.79 29.47 11.56
CA GLY A 282 2.56 29.09 10.18
C GLY A 282 2.60 27.59 9.98
N LEU A 283 3.61 26.93 10.55
CA LEU A 283 3.72 25.48 10.40
C LEU A 283 2.62 24.77 11.18
N ARG A 284 2.30 25.26 12.38
CA ARG A 284 1.20 24.70 13.16
C ARG A 284 -0.09 24.70 12.36
N LEU A 285 -0.40 25.83 11.71
CA LEU A 285 -1.60 25.89 10.87
C LEU A 285 -1.56 24.87 9.76
N TYR A 286 -0.41 24.74 9.09
CA TYR A 286 -0.29 23.79 7.98
C TYR A 286 -0.54 22.36 8.45
N ILE A 287 0.12 21.97 9.53
CA ILE A 287 -0.01 20.61 10.05
C ILE A 287 -1.44 20.33 10.52
N GLN A 288 -2.07 21.31 11.18
CA GLN A 288 -3.44 21.13 11.62
C GLN A 288 -4.40 21.04 10.44
N ASN A 289 -4.20 21.87 9.42
CA ASN A 289 -5.05 21.78 8.24
C ASN A 289 -4.83 20.47 7.50
N LEU A 290 -3.58 20.00 7.43
CA LEU A 290 -3.31 18.72 6.79
C LEU A 290 -4.07 17.59 7.47
N GLY A 291 -4.03 17.54 8.80
CA GLY A 291 -4.79 16.53 9.52
C GLY A 291 -6.27 16.67 9.32
N ARG A 292 -6.77 17.91 9.26
CA ARG A 292 -8.18 18.16 8.96
C ARG A 292 -8.54 17.64 7.57
N GLU A 293 -7.72 17.96 6.57
CA GLU A 293 -8.03 17.53 5.21
C GLU A 293 -8.05 16.01 5.11
N LEU A 294 -7.08 15.35 5.76
N LEU A 294 -7.07 15.34 5.74
CA LEU A 294 -7.02 13.89 5.69
CA LEU A 294 -7.03 13.89 5.69
C LEU A 294 -8.23 13.25 6.37
C LEU A 294 -8.27 13.28 6.34
N ARG A 295 -8.68 13.83 7.48
CA ARG A 295 -9.88 13.34 8.14
C ARG A 295 -11.12 13.55 7.27
N HIS A 296 -11.16 14.62 6.48
CA HIS A 296 -12.31 14.88 5.64
C HIS A 296 -12.39 13.88 4.48
N THR A 297 -11.24 13.49 3.92
CA THR A 297 -11.25 12.54 2.82
C THR A 297 -11.69 11.15 3.27
N LEU A 298 -11.66 10.87 4.57
CA LEU A 298 -12.04 9.57 5.12
C LEU A 298 -13.45 9.55 5.68
N LYS A 299 -14.17 10.69 5.65
CA LYS A 299 -15.51 10.71 6.25
C LYS A 299 -16.46 9.72 5.58
N ASP A 300 -16.30 9.50 4.28
CA ASP A 300 -17.15 8.57 3.54
C ASP A 300 -16.49 7.22 3.28
N VAL A 301 -15.41 6.92 4.00
CA VAL A 301 -14.80 5.59 3.93
C VAL A 301 -15.28 4.81 5.15
N PRO A 302 -16.25 3.90 4.98
CA PRO A 302 -16.88 3.28 6.16
C PRO A 302 -15.95 2.39 6.96
N ALA A 303 -14.98 1.75 6.34
CA ALA A 303 -14.03 0.87 7.03
C ALA A 303 -12.66 1.54 6.97
N SER A 304 -12.28 2.23 8.04
CA SER A 304 -11.05 2.99 8.06
C SER A 304 -10.50 3.07 9.46
N PHE A 305 -9.18 3.24 9.55
CA PHE A 305 -8.46 3.32 10.82
C PHE A 305 -7.40 4.40 10.67
N ALA A 306 -7.63 5.55 11.29
CA ALA A 306 -6.80 6.74 11.06
C ALA A 306 -6.46 7.42 12.38
N PRO A 307 -5.42 6.96 13.06
CA PRO A 307 -4.99 7.64 14.30
C PRO A 307 -4.23 8.92 14.01
N ALA A 308 -4.35 9.87 14.94
CA ALA A 308 -3.66 11.15 14.85
C ALA A 308 -2.23 10.98 15.36
N CYS A 309 -1.39 10.39 14.52
CA CYS A 309 0.00 10.15 14.87
C CYS A 309 0.92 10.58 13.74
N LEU A 310 2.12 11.00 14.10
CA LEU A 310 3.21 11.20 13.16
C LEU A 310 3.99 9.89 13.10
N SER A 311 3.74 9.10 12.05
CA SER A 311 4.37 7.79 11.94
C SER A 311 4.33 7.35 10.47
N HIS A 312 4.90 6.19 10.19
CA HIS A 312 4.93 5.69 8.81
C HIS A 312 4.69 4.19 8.83
N GLU A 313 3.56 3.76 8.24
CA GLU A 313 3.21 2.36 8.08
C GLU A 313 2.81 1.73 9.40
N ILE A 314 2.07 0.61 9.34
CA ILE A 314 1.65 -0.05 10.56
C ILE A 314 1.59 -1.57 10.44
N ILE A 315 0.99 -2.10 9.36
CA ILE A 315 0.39 -3.44 9.46
C ILE A 315 1.43 -4.55 9.52
N ILE A 316 2.68 -4.30 9.09
CA ILE A 316 3.73 -5.32 9.18
C ILE A 316 4.77 -4.93 10.22
N ARG A 317 4.44 -4.00 11.12
N ARG A 317 4.46 -3.97 11.09
CA ARG A 317 5.27 -3.72 12.27
CA ARG A 317 5.27 -3.72 12.28
C ARG A 317 4.83 -4.59 13.44
C ARG A 317 4.84 -4.68 13.37
N SER A 318 5.82 -5.15 14.15
CA SER A 318 5.51 -6.18 15.15
C SER A 318 4.59 -5.69 16.25
N HIS A 319 4.56 -4.38 16.52
CA HIS A 319 3.72 -3.82 17.56
C HIS A 319 2.54 -3.04 16.99
N TRP A 320 1.99 -3.52 15.87
CA TRP A 320 0.83 -2.88 15.25
C TRP A 320 -0.44 -3.07 16.06
N THR A 321 -0.44 -3.97 17.04
CA THR A 321 -1.60 -4.21 17.88
C THR A 321 -1.76 -3.18 18.99
N ASP A 322 -0.81 -2.27 19.15
CA ASP A 322 -0.82 -1.37 20.31
C ASP A 322 -1.62 -0.11 20.09
N VAL A 323 -1.64 0.43 18.87
N VAL A 323 -1.67 0.42 18.85
CA VAL A 323 -2.37 1.67 18.62
CA VAL A 323 -2.38 1.66 18.58
C VAL A 323 -3.87 1.43 18.75
C VAL A 323 -3.88 1.43 18.69
N GLN A 324 -4.57 2.40 19.30
CA GLN A 324 -6.01 2.34 19.47
C GLN A 324 -6.64 3.64 18.99
N VAL A 325 -7.82 3.53 18.39
CA VAL A 325 -8.65 4.68 18.06
C VAL A 325 -10.01 4.46 18.70
N LYS A 326 -10.42 5.40 19.57
CA LYS A 326 -11.71 5.34 20.25
C LYS A 326 -11.87 4.04 21.05
N GLY A 327 -10.77 3.46 21.52
CA GLY A 327 -10.80 2.26 22.32
C GLY A 327 -10.76 0.96 21.55
N THR A 328 -10.55 0.99 20.24
CA THR A 328 -10.53 -0.20 19.41
C THR A 328 -9.21 -0.29 18.66
N SER A 329 -8.54 -1.43 18.75
CA SER A 329 -7.29 -1.64 18.04
C SER A 329 -7.55 -1.98 16.58
N LEU A 330 -6.50 -1.85 15.77
CA LEU A 330 -6.62 -2.21 14.36
C LEU A 330 -6.94 -3.69 14.14
N PRO A 331 -6.32 -4.66 14.85
CA PRO A 331 -6.72 -6.05 14.64
C PRO A 331 -8.20 -6.29 14.91
N ARG A 332 -8.77 -5.66 15.93
CA ARG A 332 -10.20 -5.79 16.17
C ARG A 332 -11.01 -5.11 15.07
N ALA A 333 -10.64 -3.88 14.71
CA ALA A 333 -11.33 -3.19 13.62
C ALA A 333 -11.32 -4.02 12.35
N LEU A 334 -10.18 -4.64 12.04
CA LEU A 334 -10.11 -5.53 10.89
C LEU A 334 -11.02 -6.74 11.06
N HIS A 335 -11.17 -7.23 12.30
CA HIS A 335 -12.08 -8.34 12.52
C HIS A 335 -13.53 -7.93 12.34
N CYS A 336 -13.92 -6.77 12.88
CA CYS A 336 -15.28 -6.29 12.68
C CYS A 336 -15.57 -6.06 11.20
N TRP A 337 -14.55 -5.65 10.45
CA TRP A 337 -14.70 -5.54 9.00
C TRP A 337 -15.02 -6.90 8.38
N ASP A 338 -14.35 -7.96 8.84
CA ASP A 338 -14.65 -9.30 8.36
C ASP A 338 -16.11 -9.65 8.60
N ARG A 339 -16.61 -9.39 9.82
CA ARG A 339 -18.01 -9.70 10.13
C ARG A 339 -18.96 -8.92 9.22
N SER A 340 -18.63 -7.66 8.93
CA SER A 340 -19.49 -6.85 8.07
C SER A 340 -19.63 -7.42 6.68
N LEU A 341 -18.68 -8.27 6.26
CA LEU A 341 -18.67 -8.85 4.91
C LEU A 341 -19.10 -10.31 4.90
N HIS A 342 -19.47 -10.88 6.04
CA HIS A 342 -19.86 -12.29 6.14
C HIS A 342 -20.99 -12.63 5.17
N THR A 350 -27.10 -2.14 9.34
CA THR A 350 -25.72 -2.52 8.92
C THR A 350 -24.73 -2.48 10.09
N PRO A 351 -24.57 -1.41 10.91
CA PRO A 351 -23.57 -1.41 11.99
C PRO A 351 -23.73 -2.56 12.96
N LEU A 352 -22.59 -3.10 13.42
CA LEU A 352 -22.56 -4.26 14.34
C LEU A 352 -22.69 -3.80 15.78
N LYS A 353 -22.94 -4.76 16.65
CA LYS A 353 -23.15 -4.51 18.08
C LYS A 353 -21.79 -4.49 18.77
N GLY A 354 -21.26 -3.29 19.00
CA GLY A 354 -19.99 -3.16 19.68
C GLY A 354 -18.80 -3.64 18.90
N CYS A 355 -18.82 -3.51 17.57
CA CYS A 355 -17.72 -3.93 16.70
C CYS A 355 -17.53 -2.87 15.63
N PRO A 356 -16.87 -1.76 15.96
CA PRO A 356 -16.79 -0.64 15.03
C PRO A 356 -15.73 -0.83 13.95
N VAL A 357 -16.02 -0.27 12.78
CA VAL A 357 -15.10 -0.33 11.65
C VAL A 357 -14.65 1.05 11.17
N HIS A 358 -15.36 2.13 11.51
CA HIS A 358 -14.97 3.49 11.12
C HIS A 358 -14.34 4.15 12.35
N LEU A 359 -13.03 4.28 12.33
CA LEU A 359 -12.26 4.71 13.51
C LEU A 359 -11.27 5.80 13.07
N VAL A 360 -11.72 7.05 13.09
CA VAL A 360 -10.92 8.18 12.65
C VAL A 360 -10.79 9.15 13.82
N ASP A 361 -9.55 9.45 14.21
CA ASP A 361 -9.32 10.40 15.29
C ASP A 361 -9.79 11.79 14.88
N SER A 362 -10.21 12.56 15.89
CA SER A 362 -10.66 13.93 15.66
C SER A 362 -9.74 14.98 16.26
N CYS A 363 -8.93 14.63 17.25
CA CYS A 363 -8.03 15.61 17.84
C CYS A 363 -6.96 16.03 16.82
N PRO A 364 -6.54 17.28 16.85
CA PRO A 364 -5.89 17.90 15.66
C PRO A 364 -4.37 17.96 15.65
N TRP A 365 -3.67 17.30 16.58
CA TRP A 365 -2.21 17.44 16.60
C TRP A 365 -1.53 16.08 16.77
N PRO A 366 -0.39 15.87 16.11
CA PRO A 366 0.32 14.58 16.25
C PRO A 366 0.50 14.18 17.70
N HIS A 367 0.21 12.92 17.99
CA HIS A 367 0.32 12.30 19.31
C HIS A 367 -0.72 12.79 20.30
N CYS A 368 -1.79 13.45 19.82
CA CYS A 368 -2.93 13.72 20.70
C CYS A 368 -3.66 12.43 21.06
N ASN A 369 -3.48 11.38 20.28
CA ASN A 369 -3.88 10.04 20.67
C ASN A 369 -2.76 9.44 21.51
N PRO A 370 -3.01 9.08 22.79
CA PRO A 370 -1.92 8.60 23.63
C PRO A 370 -1.35 7.26 23.20
N SER A 371 -2.05 6.51 22.35
CA SER A 371 -1.58 5.20 21.91
C SER A 371 -0.66 5.28 20.69
N CYS A 372 -0.27 6.49 20.27
CA CYS A 372 0.59 6.63 19.11
C CYS A 372 1.93 5.93 19.36
N PRO A 373 2.53 5.35 18.33
CA PRO A 373 3.86 4.75 18.49
C PRO A 373 4.87 5.79 18.95
N THR A 374 5.71 5.41 19.89
CA THR A 374 6.69 6.33 20.48
C THR A 374 8.01 6.34 19.69
N GLY A 375 8.32 5.27 18.95
CA GLY A 375 9.60 5.19 18.21
C GLY A 375 9.74 3.86 17.54
C1 NAG B . 4.44 -14.26 -19.15
C2 NAG B . 3.38 -14.78 -20.14
C3 NAG B . 3.30 -13.84 -21.35
C4 NAG B . 3.12 -12.39 -20.92
C5 NAG B . 4.20 -12.01 -19.92
C6 NAG B . 4.03 -10.61 -19.36
C7 NAG B . 3.05 -17.21 -20.10
C8 NAG B . 3.50 -18.52 -20.65
N2 NAG B . 3.69 -16.13 -20.56
O3 NAG B . 2.19 -14.24 -22.15
O4 NAG B . 3.20 -11.54 -22.05
O5 NAG B . 4.16 -12.90 -18.80
O6 NAG B . 2.66 -10.26 -19.29
O7 NAG B . 2.14 -17.12 -19.28
C2 PUE C . 5.67 8.38 -0.54
C3 PUE C . 4.86 9.21 -1.53
C4 PUE C . 4.36 6.84 -1.85
C5 PUE C . 2.86 8.55 -2.90
C6 PUE C . 2.05 7.55 -3.43
C10 PUE C . 2.54 9.89 -3.14
N PUE C . 3.97 8.23 -2.15
C PUE C . 5.96 5.90 -0.10
O PUE C . 6.08 4.70 -0.60
C1 PUE C . 5.72 6.95 -1.15
C7 PUE C . 0.93 7.89 -4.16
C8 PUE C . 0.61 9.21 -4.39
C9 PUE C . 1.41 10.21 -3.88
O1 PUE C . 6.03 6.15 1.09
S SO4 D . -16.30 10.64 14.05
O1 SO4 D . -17.38 11.62 14.01
O2 SO4 D . -16.87 9.31 14.29
O3 SO4 D . -15.37 10.98 15.12
O4 SO4 D . -15.59 10.62 12.77
S SO4 E . 21.15 -2.17 -0.50
O1 SO4 E . 21.09 -1.36 0.73
O2 SO4 E . 19.92 -2.95 -0.60
O3 SO4 E . 21.29 -1.32 -1.68
O4 SO4 E . 22.30 -3.07 -0.44
S SO4 F . -17.34 -9.46 19.87
O1 SO4 F . -16.92 -10.83 20.13
O2 SO4 F . -18.61 -9.47 19.15
O3 SO4 F . -17.50 -8.74 21.12
O4 SO4 F . -16.32 -8.83 19.05
C1 EDO G . -12.25 -22.64 -13.67
O1 EDO G . -13.25 -23.00 -14.62
C2 EDO G . -10.88 -22.65 -14.36
O2 EDO G . -10.59 -23.97 -14.82
C1 EDO H . -15.59 -0.20 -1.21
O1 EDO H . -14.67 0.39 -2.12
C2 EDO H . -14.96 -0.24 0.18
O2 EDO H . -15.85 -0.84 1.12
C1 EDO I . -9.52 -2.83 -15.14
O1 EDO I . -8.70 -1.70 -15.46
C2 EDO I . -9.65 -2.94 -13.62
O2 EDO I . -10.24 -1.75 -13.10
#